data_8R2X
#
_entry.id   8R2X
#
_cell.length_a   44.610
_cell.length_b   107.411
_cell.length_c   117.814
_cell.angle_alpha   90.000
_cell.angle_beta   90.000
_cell.angle_gamma   90.000
#
_symmetry.space_group_name_H-M   'P 21 21 21'
#
loop_
_entity.id
_entity.type
_entity.pdbx_description
1 polymer 6-chlorohydroxyquinol-1,2-dioxygenase
2 non-polymer PHOSPHATIDYLETHANOLAMINE
3 non-polymer 'FE (III) ION'
4 water water
#
_entity_poly.entity_id   1
_entity_poly.type   'polypeptide(L)'
_entity_poly.pdbx_seq_one_letter_code
;MGSSHHHHHHSSGLVPRGSHMTTYFTEDQSVDTVNGRMGIDAGDRAAVVMESLVRHLHSFVKDVGITQAEWGLAIDFLTR
TGQICGPERQEFILLSDTLGVSMLVDAINHRRPTGATENTVFGPFHVEGAPIRQMGDDISLDGKGESCLFAGQVRDLDGH
PIEGACVDVWSDNADGYYDVQQPDIQPQWNNRGRFLTGADGRYLFRGIKPTAYPIPDDGPVGQLLDRLGRHPYRPAHMHF
LVTAEGCERLVTHTFVEGDSYLESDAVFGVKEALIATYDRNSDDPATAWSSQYDFVLTRGSS
;
_entity_poly.pdbx_strand_id   A,B
#
loop_
_chem_comp.id
_chem_comp.type
_chem_comp.name
_chem_comp.formula
FE non-polymer 'FE (III) ION' 'Fe 3'
PTY non-polymer PHOSPHATIDYLETHANOLAMINE 'C40 H80 N O8 P'
#
# COMPACT_ATOMS: atom_id res chain seq x y z
N THR A 23 14.63 14.60 21.90
CA THR A 23 14.79 15.81 21.05
C THR A 23 13.77 15.69 19.91
N TYR A 24 14.20 15.90 18.65
CA TYR A 24 13.37 15.70 17.46
C TYR A 24 13.67 14.32 16.86
N PHE A 25 13.08 14.02 15.69
CA PHE A 25 13.31 12.76 15.00
C PHE A 25 14.80 12.53 14.74
N THR A 26 15.27 11.30 15.03
CA THR A 26 16.58 10.84 14.63
C THR A 26 16.43 9.48 13.97
N GLU A 27 17.39 9.10 13.13
CA GLU A 27 17.32 7.80 12.49
CA GLU A 27 17.35 7.79 12.49
C GLU A 27 17.33 6.69 13.56
N ASP A 28 18.17 6.83 14.58
CA ASP A 28 18.34 5.74 15.54
C ASP A 28 17.10 5.59 16.40
N GLN A 29 16.32 6.65 16.57
CA GLN A 29 15.12 6.60 17.38
C GLN A 29 13.86 6.74 16.54
N SER A 30 13.96 6.46 15.24
CA SER A 30 12.84 6.69 14.32
C SER A 30 11.59 5.94 14.81
N VAL A 31 11.77 4.69 15.22
CA VAL A 31 10.66 3.82 15.57
C VAL A 31 9.96 4.34 16.84
N ASP A 32 10.73 4.58 17.90
CA ASP A 32 10.19 5.05 19.14
C ASP A 32 9.52 6.42 18.96
N THR A 33 10.11 7.28 18.13
CA THR A 33 9.57 8.61 17.89
C THR A 33 8.15 8.48 17.33
N VAL A 34 7.99 7.67 16.25
CA VAL A 34 6.70 7.57 15.61
C VAL A 34 5.72 6.88 16.56
N ASN A 35 6.14 5.74 17.13
CA ASN A 35 5.22 4.97 17.98
C ASN A 35 4.82 5.81 19.21
N GLY A 36 5.76 6.60 19.72
CA GLY A 36 5.49 7.38 20.92
C GLY A 36 4.43 8.46 20.71
N ARG A 37 4.05 8.77 19.46
CA ARG A 37 3.00 9.77 19.28
C ARG A 37 1.62 9.17 19.56
N MET A 38 1.48 7.84 19.52
CA MET A 38 0.17 7.25 19.73
C MET A 38 -0.35 7.62 21.13
N GLY A 39 -1.61 8.05 21.14
CA GLY A 39 -2.32 8.44 22.35
C GLY A 39 -3.16 7.32 22.95
N ILE A 40 -3.27 6.18 22.29
CA ILE A 40 -4.07 5.06 22.80
C ILE A 40 -3.17 4.19 23.66
N ASP A 41 -3.81 3.40 24.52
CA ASP A 41 -3.13 2.52 25.45
C ASP A 41 -2.32 1.47 24.69
N ALA A 42 -1.18 1.08 25.25
CA ALA A 42 -0.26 0.16 24.58
C ALA A 42 -0.89 -1.20 24.34
N GLY A 43 -1.89 -1.56 25.16
CA GLY A 43 -2.56 -2.83 25.03
C GLY A 43 -3.77 -2.80 24.09
N ASP A 44 -4.09 -1.64 23.51
CA ASP A 44 -5.10 -1.57 22.49
C ASP A 44 -4.55 -2.30 21.26
N ARG A 45 -5.39 -3.14 20.67
CA ARG A 45 -4.93 -3.95 19.55
C ARG A 45 -4.35 -3.08 18.43
N ALA A 46 -4.97 -1.94 18.12
CA ALA A 46 -4.45 -1.09 17.04
C ALA A 46 -3.04 -0.64 17.35
N ALA A 47 -2.74 -0.40 18.64
CA ALA A 47 -1.41 0.05 19.05
C ALA A 47 -0.39 -1.07 18.89
N VAL A 48 -0.77 -2.29 19.26
CA VAL A 48 0.11 -3.44 19.09
C VAL A 48 0.41 -3.65 17.60
N VAL A 49 -0.61 -3.59 16.74
CA VAL A 49 -0.41 -3.82 15.32
C VAL A 49 0.46 -2.71 14.72
N MET A 50 0.11 -1.45 14.99
CA MET A 50 0.79 -0.33 14.39
C MET A 50 2.20 -0.20 14.92
N GLU A 51 2.45 -0.54 16.19
CA GLU A 51 3.81 -0.48 16.73
C GLU A 51 4.72 -1.40 15.92
N SER A 52 4.25 -2.59 15.62
CA SER A 52 5.01 -3.55 14.88
C SER A 52 5.10 -3.18 13.41
N LEU A 53 4.04 -2.59 12.87
CA LEU A 53 4.06 -2.21 11.46
C LEU A 53 5.11 -1.13 11.24
N VAL A 54 5.11 -0.10 12.09
CA VAL A 54 6.10 0.96 11.98
C VAL A 54 7.51 0.40 12.23
N ARG A 55 7.68 -0.43 13.24
CA ARG A 55 8.98 -1.02 13.52
C ARG A 55 9.50 -1.78 12.30
N HIS A 56 8.66 -2.59 11.67
CA HIS A 56 9.11 -3.40 10.55
C HIS A 56 9.37 -2.54 9.30
N LEU A 57 8.55 -1.52 9.12
CA LEU A 57 8.64 -0.62 7.97
C LEU A 57 9.93 0.17 8.03
N HIS A 58 10.24 0.70 9.23
CA HIS A 58 11.48 1.43 9.42
C HIS A 58 12.70 0.51 9.24
N SER A 59 12.63 -0.70 9.80
CA SER A 59 13.71 -1.68 9.71
C SER A 59 14.02 -1.98 8.23
N PHE A 60 12.96 -2.15 7.45
CA PHE A 60 13.09 -2.44 6.02
C PHE A 60 13.82 -1.31 5.31
N VAL A 61 13.32 -0.07 5.50
CA VAL A 61 13.87 1.07 4.81
C VAL A 61 15.36 1.21 5.14
N LYS A 62 15.75 1.03 6.42
CA LYS A 62 17.13 1.13 6.85
C LYS A 62 17.96 -0.04 6.28
N ASP A 63 17.39 -1.24 6.29
CA ASP A 63 18.08 -2.45 5.89
C ASP A 63 18.61 -2.32 4.46
N VAL A 64 17.77 -1.86 3.51
CA VAL A 64 18.22 -1.84 2.12
C VAL A 64 18.55 -0.42 1.62
N GLY A 65 18.34 0.58 2.49
CA GLY A 65 18.68 1.96 2.16
C GLY A 65 17.84 2.48 1.00
N ILE A 66 16.52 2.39 1.16
CA ILE A 66 15.59 2.95 0.17
C ILE A 66 15.98 4.43 -0.11
N THR A 67 16.15 4.73 -1.41
CA THR A 67 16.48 6.07 -1.86
C THR A 67 15.21 6.88 -2.03
N GLN A 68 15.36 8.18 -2.24
CA GLN A 68 14.24 9.07 -2.50
C GLN A 68 13.52 8.64 -3.79
N ALA A 69 14.28 8.30 -4.84
CA ALA A 69 13.67 7.90 -6.10
C ALA A 69 12.92 6.57 -5.94
N GLU A 70 13.49 5.63 -5.16
CA GLU A 70 12.87 4.33 -4.96
C GLU A 70 11.58 4.49 -4.15
N TRP A 71 11.63 5.38 -3.16
CA TRP A 71 10.44 5.73 -2.39
C TRP A 71 9.36 6.27 -3.34
N GLY A 72 9.71 7.18 -4.21
CA GLY A 72 8.76 7.73 -5.17
C GLY A 72 8.17 6.66 -6.09
N LEU A 73 8.97 5.65 -6.45
CA LEU A 73 8.52 4.54 -7.27
C LEU A 73 7.44 3.75 -6.51
N ALA A 74 7.72 3.53 -5.20
CA ALA A 74 6.82 2.80 -4.32
C ALA A 74 5.50 3.56 -4.20
N ILE A 75 5.58 4.86 -3.94
CA ILE A 75 4.39 5.68 -3.82
C ILE A 75 3.54 5.51 -5.07
N ASP A 76 4.16 5.69 -6.22
CA ASP A 76 3.44 5.62 -7.48
C ASP A 76 2.81 4.23 -7.67
N PHE A 77 3.57 3.18 -7.31
CA PHE A 77 3.11 1.82 -7.46
C PHE A 77 1.88 1.53 -6.60
N LEU A 78 1.96 1.90 -5.31
CA LEU A 78 0.86 1.70 -4.39
C LEU A 78 -0.36 2.49 -4.85
N THR A 79 -0.14 3.73 -5.31
CA THR A 79 -1.23 4.54 -5.79
C THR A 79 -1.96 3.86 -6.96
N ARG A 80 -1.19 3.44 -7.99
CA ARG A 80 -1.76 2.82 -9.18
C ARG A 80 -2.46 1.51 -8.81
N THR A 81 -1.93 0.80 -7.80
CA THR A 81 -2.51 -0.46 -7.36
C THR A 81 -3.91 -0.22 -6.83
N GLY A 82 -4.09 0.82 -6.01
CA GLY A 82 -5.42 1.10 -5.52
C GLY A 82 -6.34 1.67 -6.60
N GLN A 83 -5.79 2.43 -7.53
CA GLN A 83 -6.58 3.11 -8.54
C GLN A 83 -7.17 2.13 -9.54
N ILE A 84 -6.50 1.00 -9.75
CA ILE A 84 -6.96 0.03 -10.71
C ILE A 84 -7.97 -0.93 -10.07
N CYS A 85 -8.12 -0.86 -8.73
CA CYS A 85 -9.13 -1.63 -8.05
C CYS A 85 -10.52 -1.12 -8.48
N GLY A 86 -11.48 -2.05 -8.46
CA GLY A 86 -12.86 -1.68 -8.63
C GLY A 86 -13.69 -2.94 -8.83
N PRO A 87 -14.88 -2.78 -9.45
CA PRO A 87 -15.90 -3.84 -9.43
C PRO A 87 -15.36 -5.23 -9.70
N GLU A 88 -14.43 -5.36 -10.67
CA GLU A 88 -14.04 -6.65 -11.19
C GLU A 88 -12.54 -6.91 -10.99
N ARG A 89 -11.90 -6.14 -10.10
CA ARG A 89 -10.47 -6.32 -9.97
C ARG A 89 -9.97 -5.83 -8.61
N GLN A 90 -9.31 -6.73 -7.87
CA GLN A 90 -8.77 -6.32 -6.58
C GLN A 90 -7.27 -6.53 -6.62
N GLU A 91 -6.59 -5.47 -7.09
CA GLU A 91 -5.17 -5.51 -7.33
C GLU A 91 -4.40 -5.60 -6.00
N PHE A 92 -4.93 -5.02 -4.92
CA PHE A 92 -4.27 -5.20 -3.63
C PHE A 92 -4.34 -6.64 -3.15
N ILE A 93 -5.47 -7.33 -3.38
CA ILE A 93 -5.51 -8.75 -3.04
C ILE A 93 -4.44 -9.49 -3.86
N LEU A 94 -4.35 -9.20 -5.15
CA LEU A 94 -3.37 -9.83 -6.03
C LEU A 94 -1.95 -9.57 -5.52
N LEU A 95 -1.69 -8.37 -5.01
CA LEU A 95 -0.38 -8.05 -4.48
C LEU A 95 -0.10 -8.89 -3.21
N SER A 96 -1.06 -8.92 -2.30
CA SER A 96 -1.00 -9.77 -1.12
C SER A 96 -0.76 -11.22 -1.54
N ASP A 97 -1.52 -11.67 -2.57
CA ASP A 97 -1.47 -13.05 -2.98
C ASP A 97 -0.08 -13.40 -3.50
N THR A 98 0.44 -12.57 -4.39
CA THR A 98 1.68 -12.90 -5.07
C THR A 98 2.91 -12.66 -4.19
N LEU A 99 2.77 -11.97 -3.05
CA LEU A 99 3.88 -11.84 -2.11
C LEU A 99 3.75 -12.82 -0.96
N GLY A 100 2.78 -13.75 -1.08
CA GLY A 100 2.63 -14.82 -0.11
C GLY A 100 1.96 -14.41 1.19
N VAL A 101 1.50 -13.16 1.26
CA VAL A 101 0.91 -12.64 2.47
C VAL A 101 -0.44 -13.32 2.72
N SER A 102 -1.23 -13.49 1.66
CA SER A 102 -2.53 -14.09 1.76
C SER A 102 -2.39 -15.50 2.28
N MET A 103 -1.51 -16.29 1.65
CA MET A 103 -1.37 -17.65 2.09
C MET A 103 -0.89 -17.67 3.56
N LEU A 104 0.00 -16.73 3.95
CA LEU A 104 0.53 -16.72 5.29
C LEU A 104 -0.55 -16.42 6.34
N VAL A 105 -1.45 -15.49 6.01
CA VAL A 105 -2.54 -15.11 6.87
C VAL A 105 -3.48 -16.31 7.02
N ASP A 106 -3.77 -16.98 5.91
CA ASP A 106 -4.61 -18.16 5.99
C ASP A 106 -3.94 -19.21 6.87
N ALA A 107 -2.64 -19.44 6.69
CA ALA A 107 -1.91 -20.46 7.43
C ALA A 107 -1.99 -20.21 8.93
N ILE A 108 -1.73 -18.99 9.39
CA ILE A 108 -1.65 -18.79 10.84
C ILE A 108 -3.03 -18.72 11.48
N ASN A 109 -4.12 -18.47 10.71
CA ASN A 109 -5.44 -18.30 11.30
C ASN A 109 -6.32 -19.53 11.18
N HIS A 110 -6.02 -20.47 10.28
CA HIS A 110 -7.02 -21.50 9.96
C HIS A 110 -6.39 -22.86 10.08
N ARG A 111 -5.52 -23.02 11.09
CA ARG A 111 -5.03 -24.34 11.44
C ARG A 111 -6.18 -25.23 11.91
N ARG A 112 -5.99 -26.54 11.71
CA ARG A 112 -7.01 -27.55 11.91
C ARG A 112 -6.40 -28.90 12.18
N PRO A 113 -7.14 -29.82 12.84
CA PRO A 113 -6.61 -31.14 13.12
C PRO A 113 -6.37 -31.91 11.83
N THR A 114 -5.45 -32.86 11.96
CA THR A 114 -5.18 -33.86 10.94
C THR A 114 -6.48 -34.53 10.52
N GLY A 115 -6.66 -34.72 9.22
CA GLY A 115 -7.88 -35.33 8.75
C GLY A 115 -8.89 -34.33 8.22
N ALA A 116 -8.90 -33.09 8.72
CA ALA A 116 -9.82 -32.07 8.23
C ALA A 116 -9.25 -31.49 6.95
N THR A 117 -10.10 -31.20 5.97
CA THR A 117 -9.59 -30.58 4.75
C THR A 117 -8.96 -29.22 5.07
N GLU A 118 -7.82 -28.96 4.47
CA GLU A 118 -7.08 -27.73 4.70
C GLU A 118 -7.67 -26.59 3.88
N ASN A 119 -7.64 -25.42 4.52
CA ASN A 119 -7.85 -24.17 3.84
C ASN A 119 -6.69 -23.86 2.91
N THR A 120 -6.94 -22.95 1.95
CA THR A 120 -5.85 -22.29 1.25
C THR A 120 -6.30 -20.87 0.91
N VAL A 121 -5.42 -20.16 0.21
CA VAL A 121 -5.59 -18.77 -0.19
C VAL A 121 -6.97 -18.64 -0.85
N PHE A 122 -7.71 -17.57 -0.52
CA PHE A 122 -9.06 -17.37 -1.02
C PHE A 122 -9.00 -16.87 -2.47
N GLY A 123 -8.08 -15.95 -2.72
CA GLY A 123 -8.07 -15.26 -3.99
C GLY A 123 -9.19 -14.23 -4.07
N PRO A 124 -9.23 -13.42 -5.15
CA PRO A 124 -10.21 -12.33 -5.19
C PRO A 124 -11.49 -12.58 -5.97
N PHE A 125 -11.77 -13.83 -6.36
CA PHE A 125 -12.82 -14.04 -7.35
C PHE A 125 -14.07 -14.74 -6.81
N HIS A 126 -14.19 -14.88 -5.50
CA HIS A 126 -15.41 -15.38 -4.89
C HIS A 126 -16.48 -14.31 -5.02
N VAL A 127 -17.71 -14.75 -5.28
CA VAL A 127 -18.83 -13.83 -5.38
C VAL A 127 -19.96 -14.39 -4.53
N GLU A 128 -20.46 -13.61 -3.57
CA GLU A 128 -21.54 -14.08 -2.71
C GLU A 128 -22.85 -14.20 -3.49
N GLY A 129 -23.68 -15.16 -3.04
CA GLY A 129 -25.04 -15.24 -3.52
C GLY A 129 -25.17 -15.90 -4.89
N ALA A 130 -24.28 -16.87 -5.19
CA ALA A 130 -24.43 -17.62 -6.43
C ALA A 130 -25.72 -18.44 -6.38
N PRO A 131 -26.34 -18.70 -7.56
CA PRO A 131 -27.55 -19.51 -7.62
C PRO A 131 -27.39 -20.81 -6.85
N ILE A 132 -28.44 -21.13 -6.07
CA ILE A 132 -28.57 -22.45 -5.50
C ILE A 132 -29.13 -23.38 -6.58
N ARG A 133 -28.30 -24.32 -7.01
CA ARG A 133 -28.62 -25.17 -8.16
C ARG A 133 -29.00 -26.58 -7.67
N GLN A 134 -29.55 -27.35 -8.59
CA GLN A 134 -29.88 -28.74 -8.33
C GLN A 134 -28.63 -29.59 -8.54
N MET A 135 -28.53 -30.70 -7.80
CA MET A 135 -27.45 -31.64 -8.00
C MET A 135 -27.57 -32.13 -9.45
N GLY A 136 -26.42 -32.23 -10.12
CA GLY A 136 -26.37 -32.64 -11.52
C GLY A 136 -26.48 -31.48 -12.50
N ASP A 137 -26.82 -30.28 -12.02
CA ASP A 137 -26.89 -29.15 -12.93
C ASP A 137 -25.50 -28.83 -13.44
N ASP A 138 -25.51 -28.20 -14.61
CA ASP A 138 -24.30 -27.82 -15.34
C ASP A 138 -24.02 -26.34 -15.06
N ILE A 139 -22.89 -26.05 -14.41
CA ILE A 139 -22.55 -24.69 -14.07
C ILE A 139 -21.84 -23.99 -15.23
N SER A 140 -21.43 -24.76 -16.24
CA SER A 140 -20.77 -24.18 -17.40
C SER A 140 -21.82 -23.64 -18.35
N LEU A 141 -22.10 -22.34 -18.29
CA LEU A 141 -23.18 -21.74 -19.07
C LEU A 141 -22.75 -21.36 -20.49
N ASP A 142 -21.46 -21.17 -20.78
CA ASP A 142 -21.04 -20.79 -22.12
C ASP A 142 -20.48 -22.01 -22.86
N GLY A 143 -20.36 -23.16 -22.19
CA GLY A 143 -19.95 -24.40 -22.82
C GLY A 143 -18.52 -24.36 -23.36
N LYS A 144 -17.69 -23.47 -22.80
CA LYS A 144 -16.28 -23.36 -23.15
C LYS A 144 -15.39 -24.11 -22.15
N GLY A 145 -14.88 -25.25 -22.61
CA GLY A 145 -14.01 -26.13 -21.84
C GLY A 145 -14.42 -27.57 -22.07
N GLU A 146 -13.69 -28.50 -21.47
CA GLU A 146 -14.04 -29.90 -21.56
C GLU A 146 -14.93 -30.22 -20.36
N SER A 147 -16.09 -30.84 -20.64
CA SER A 147 -17.10 -31.14 -19.64
C SER A 147 -16.51 -32.06 -18.58
N CYS A 148 -16.88 -31.82 -17.32
CA CYS A 148 -16.35 -32.55 -16.19
C CYS A 148 -17.47 -32.76 -15.19
N LEU A 149 -17.54 -33.98 -14.64
CA LEU A 149 -18.47 -34.28 -13.56
C LEU A 149 -17.71 -34.19 -12.24
N PHE A 150 -18.21 -33.36 -11.33
CA PHE A 150 -17.61 -33.17 -10.02
C PHE A 150 -18.53 -33.80 -8.99
N ALA A 151 -17.96 -34.61 -8.12
CA ALA A 151 -18.78 -35.28 -7.13
C ALA A 151 -17.95 -35.56 -5.88
N GLY A 152 -18.61 -35.74 -4.75
CA GLY A 152 -17.94 -36.12 -3.51
C GLY A 152 -18.92 -36.07 -2.35
N GLN A 153 -18.36 -36.15 -1.13
CA GLN A 153 -19.15 -36.22 0.08
C GLN A 153 -18.57 -35.23 1.09
N VAL A 154 -19.47 -34.54 1.79
CA VAL A 154 -19.06 -33.72 2.92
C VAL A 154 -19.28 -34.52 4.17
N ARG A 155 -18.25 -34.61 5.01
CA ARG A 155 -18.38 -35.32 6.27
C ARG A 155 -17.76 -34.50 7.38
N ASP A 156 -18.06 -34.86 8.63
CA ASP A 156 -17.35 -34.30 9.76
C ASP A 156 -16.12 -35.13 10.08
N LEU A 157 -15.38 -34.64 11.08
CA LEU A 157 -14.09 -35.19 11.43
C LEU A 157 -14.27 -36.58 12.03
N ASP A 158 -15.43 -36.86 12.61
CA ASP A 158 -15.73 -38.18 13.12
C ASP A 158 -16.18 -39.12 12.01
N GLY A 159 -16.37 -38.65 10.78
CA GLY A 159 -16.61 -39.55 9.65
C GLY A 159 -18.06 -39.58 9.17
N HIS A 160 -18.91 -38.73 9.74
CA HIS A 160 -20.33 -38.79 9.46
C HIS A 160 -20.70 -37.81 8.35
N PRO A 161 -21.42 -38.24 7.30
CA PRO A 161 -21.90 -37.32 6.28
C PRO A 161 -22.71 -36.21 6.93
N ILE A 162 -22.56 -35.00 6.41
CA ILE A 162 -23.27 -33.84 6.89
C ILE A 162 -24.40 -33.50 5.91
N GLU A 163 -25.62 -33.46 6.47
CA GLU A 163 -26.80 -32.99 5.77
C GLU A 163 -26.90 -31.46 5.78
N GLY A 164 -27.23 -30.87 4.62
CA GLY A 164 -27.45 -29.42 4.59
C GLY A 164 -26.17 -28.60 4.58
N ALA A 165 -25.01 -29.19 4.24
CA ALA A 165 -23.82 -28.41 3.98
C ALA A 165 -23.94 -27.73 2.63
N CYS A 166 -23.37 -26.52 2.55
CA CYS A 166 -23.46 -25.73 1.34
C CYS A 166 -22.08 -25.77 0.68
N VAL A 167 -22.08 -26.21 -0.58
CA VAL A 167 -20.90 -26.35 -1.40
C VAL A 167 -20.99 -25.28 -2.49
N ASP A 168 -20.18 -24.24 -2.29
CA ASP A 168 -20.14 -23.03 -3.05
C ASP A 168 -18.88 -23.07 -3.90
N VAL A 169 -19.06 -23.13 -5.24
CA VAL A 169 -17.98 -23.49 -6.12
C VAL A 169 -17.83 -22.41 -7.20
N TRP A 170 -16.57 -22.22 -7.62
CA TRP A 170 -16.28 -21.29 -8.68
C TRP A 170 -14.98 -21.67 -9.37
N SER A 171 -14.98 -21.54 -10.72
CA SER A 171 -13.80 -21.79 -11.53
C SER A 171 -13.76 -20.82 -12.71
N ASP A 172 -12.59 -20.78 -13.35
CA ASP A 172 -12.42 -20.06 -14.60
C ASP A 172 -13.04 -20.86 -15.74
N ASN A 173 -13.23 -20.24 -16.90
CA ASN A 173 -13.58 -20.98 -18.10
C ASN A 173 -12.30 -21.27 -18.89
N ALA A 174 -12.47 -21.78 -20.14
CA ALA A 174 -11.35 -22.29 -20.92
C ALA A 174 -10.46 -21.16 -21.42
N ASP A 175 -11.00 -19.92 -21.42
CA ASP A 175 -10.23 -18.76 -21.83
C ASP A 175 -9.32 -18.28 -20.71
N GLY A 176 -9.38 -18.88 -19.50
CA GLY A 176 -8.54 -18.46 -18.39
C GLY A 176 -9.10 -17.29 -17.56
N TYR A 177 -10.42 -17.06 -17.60
CA TYR A 177 -11.08 -15.96 -16.92
C TYR A 177 -12.28 -16.43 -16.11
N TYR A 178 -12.46 -15.82 -14.92
CA TYR A 178 -13.70 -15.90 -14.15
C TYR A 178 -14.75 -14.99 -14.78
N ASP A 179 -16.03 -15.29 -14.55
CA ASP A 179 -17.14 -14.53 -15.13
C ASP A 179 -17.00 -13.02 -14.87
N VAL A 180 -16.59 -12.66 -13.64
CA VAL A 180 -16.53 -11.26 -13.22
C VAL A 180 -15.42 -10.52 -13.96
N GLN A 181 -14.44 -11.23 -14.52
CA GLN A 181 -13.38 -10.58 -15.27
C GLN A 181 -13.87 -10.23 -16.68
N GLN A 182 -14.92 -10.89 -17.17
CA GLN A 182 -15.44 -10.63 -18.51
C GLN A 182 -16.95 -10.46 -18.43
N PRO A 183 -17.44 -9.43 -17.70
CA PRO A 183 -18.86 -9.31 -17.40
C PRO A 183 -19.75 -9.20 -18.62
N ASP A 184 -19.26 -8.61 -19.70
CA ASP A 184 -20.12 -8.42 -20.85
C ASP A 184 -19.93 -9.55 -21.87
N ILE A 185 -19.12 -10.57 -21.51
CA ILE A 185 -18.81 -11.66 -22.44
C ILE A 185 -19.32 -12.99 -21.88
N GLN A 186 -18.88 -13.35 -20.67
CA GLN A 186 -19.35 -14.56 -20.02
C GLN A 186 -20.74 -14.29 -19.44
N PRO A 187 -21.67 -15.27 -19.48
CA PRO A 187 -22.92 -15.14 -18.74
C PRO A 187 -22.64 -15.00 -17.26
N GLN A 188 -23.54 -14.29 -16.59
CA GLN A 188 -23.46 -14.13 -15.16
C GLN A 188 -23.54 -15.51 -14.51
N TRP A 189 -22.66 -15.75 -13.52
CA TRP A 189 -22.71 -16.98 -12.74
C TRP A 189 -22.14 -18.17 -13.54
N ASN A 190 -21.41 -17.87 -14.62
CA ASN A 190 -20.66 -18.89 -15.34
C ASN A 190 -19.68 -19.57 -14.38
N ASN A 191 -19.74 -20.91 -14.36
CA ASN A 191 -18.87 -21.73 -13.52
C ASN A 191 -18.94 -21.31 -12.05
N ARG A 192 -20.18 -21.00 -11.63
CA ARG A 192 -20.49 -20.75 -10.24
C ARG A 192 -21.79 -21.50 -9.88
N GLY A 193 -21.88 -21.89 -8.61
CA GLY A 193 -23.13 -22.38 -8.07
C GLY A 193 -22.98 -22.77 -6.61
N ARG A 194 -24.11 -22.88 -5.93
CA ARG A 194 -24.19 -23.34 -4.55
C ARG A 194 -25.07 -24.60 -4.54
N PHE A 195 -24.58 -25.63 -3.87
CA PHE A 195 -25.24 -26.92 -3.79
C PHE A 195 -25.41 -27.31 -2.33
N LEU A 196 -26.61 -27.74 -1.95
CA LEU A 196 -26.92 -28.10 -0.59
C LEU A 196 -27.03 -29.60 -0.46
N THR A 197 -26.22 -30.21 0.42
CA THR A 197 -26.18 -31.66 0.50
C THR A 197 -27.48 -32.18 1.14
N GLY A 198 -27.88 -33.36 0.66
CA GLY A 198 -28.87 -34.21 1.28
C GLY A 198 -28.32 -34.95 2.50
N ALA A 199 -29.11 -35.94 2.95
CA ALA A 199 -28.83 -36.68 4.17
C ALA A 199 -27.52 -37.47 4.07
N ASP A 200 -27.16 -37.87 2.83
CA ASP A 200 -25.93 -38.63 2.59
C ASP A 200 -24.69 -37.75 2.45
N GLY A 201 -24.85 -36.42 2.54
CA GLY A 201 -23.68 -35.55 2.49
C GLY A 201 -23.09 -35.35 1.10
N ARG A 202 -23.71 -35.92 0.07
CA ARG A 202 -23.09 -35.97 -1.24
C ARG A 202 -23.42 -34.72 -2.07
N TYR A 203 -22.43 -34.31 -2.87
CA TYR A 203 -22.66 -33.32 -3.91
C TYR A 203 -22.31 -33.92 -5.28
N LEU A 204 -22.91 -33.32 -6.31
CA LEU A 204 -22.64 -33.71 -7.68
C LEU A 204 -23.06 -32.55 -8.59
N PHE A 205 -22.13 -32.08 -9.44
CA PHE A 205 -22.50 -31.12 -10.46
C PHE A 205 -21.64 -31.31 -11.70
N ARG A 206 -22.13 -30.76 -12.83
CA ARG A 206 -21.39 -30.74 -14.07
C ARG A 206 -20.75 -29.35 -14.24
N GLY A 207 -19.53 -29.35 -14.74
CA GLY A 207 -18.87 -28.12 -15.12
C GLY A 207 -17.85 -28.38 -16.20
N ILE A 208 -16.74 -27.62 -16.17
CA ILE A 208 -15.67 -27.90 -17.10
C ILE A 208 -14.41 -28.16 -16.28
N LYS A 209 -13.48 -28.85 -16.92
CA LYS A 209 -12.18 -29.05 -16.32
C LYS A 209 -11.51 -27.69 -16.21
N PRO A 210 -11.04 -27.25 -15.03
CA PRO A 210 -10.38 -25.95 -14.93
C PRO A 210 -9.07 -25.90 -15.75
N THR A 211 -8.67 -24.68 -16.10
CA THR A 211 -7.53 -24.40 -16.94
C THR A 211 -6.59 -23.52 -16.13
N ALA A 212 -5.27 -23.75 -16.24
CA ALA A 212 -4.27 -22.86 -15.66
C ALA A 212 -4.53 -21.43 -16.12
N TYR A 213 -4.38 -20.45 -15.25
CA TYR A 213 -4.65 -19.09 -15.70
C TYR A 213 -3.59 -18.14 -15.14
N PRO A 214 -3.24 -17.08 -15.90
CA PRO A 214 -2.41 -16.00 -15.39
C PRO A 214 -3.29 -15.12 -14.54
N ILE A 215 -2.79 -14.68 -13.40
CA ILE A 215 -3.49 -13.63 -12.70
C ILE A 215 -3.51 -12.39 -13.60
N PRO A 216 -4.44 -11.44 -13.42
CA PRO A 216 -4.44 -10.20 -14.18
C PRO A 216 -3.06 -9.53 -14.11
N ASP A 217 -2.44 -9.29 -15.27
CA ASP A 217 -1.03 -8.96 -15.27
C ASP A 217 -0.77 -7.65 -16.01
N ASP A 218 -1.84 -6.86 -16.21
CA ASP A 218 -1.67 -5.60 -16.91
C ASP A 218 -1.53 -4.44 -15.94
N GLY A 219 -1.51 -4.68 -14.64
CA GLY A 219 -1.32 -3.59 -13.72
C GLY A 219 -0.03 -3.74 -12.94
N PRO A 220 0.08 -3.05 -11.80
CA PRO A 220 1.29 -3.07 -10.98
C PRO A 220 1.78 -4.47 -10.62
N VAL A 221 0.88 -5.37 -10.27
CA VAL A 221 1.28 -6.69 -9.84
C VAL A 221 1.96 -7.43 -11.00
N GLY A 222 1.41 -7.32 -12.22
CA GLY A 222 2.04 -7.92 -13.39
C GLY A 222 3.39 -7.27 -13.67
N GLN A 223 3.46 -5.94 -13.52
CA GLN A 223 4.71 -5.23 -13.69
C GLN A 223 5.75 -5.79 -12.71
N LEU A 224 5.35 -5.98 -11.44
CA LEU A 224 6.32 -6.37 -10.42
C LEU A 224 6.81 -7.80 -10.70
N LEU A 225 5.90 -8.70 -11.05
CA LEU A 225 6.27 -10.09 -11.35
C LEU A 225 7.28 -10.12 -12.51
N ASP A 226 6.97 -9.34 -13.53
CA ASP A 226 7.86 -9.23 -14.69
C ASP A 226 9.23 -8.74 -14.22
N ARG A 227 9.27 -7.72 -13.38
CA ARG A 227 10.55 -7.19 -12.94
C ARG A 227 11.35 -8.19 -12.10
N LEU A 228 10.65 -9.08 -11.41
CA LEU A 228 11.28 -10.11 -10.58
C LEU A 228 11.55 -11.42 -11.35
N GLY A 229 11.23 -11.44 -12.66
CA GLY A 229 11.39 -12.64 -13.46
C GLY A 229 10.52 -13.77 -12.94
N ARG A 230 9.29 -13.44 -12.57
CA ARG A 230 8.29 -14.39 -12.11
C ARG A 230 7.16 -14.45 -13.13
N HIS A 231 6.65 -15.66 -13.38
CA HIS A 231 5.48 -15.86 -14.20
C HIS A 231 4.23 -15.55 -13.37
N PRO A 232 3.11 -15.19 -14.05
CA PRO A 232 1.85 -14.93 -13.38
C PRO A 232 0.85 -16.08 -13.20
N TYR A 233 1.26 -17.33 -13.48
CA TYR A 233 0.32 -18.44 -13.58
C TYR A 233 0.01 -19.13 -12.25
N ARG A 234 -1.24 -19.60 -12.19
CA ARG A 234 -1.72 -20.54 -11.19
C ARG A 234 -2.05 -21.85 -11.90
N PRO A 235 -1.76 -22.99 -11.25
CA PRO A 235 -2.23 -24.29 -11.74
C PRO A 235 -3.75 -24.33 -11.73
N ALA A 236 -4.33 -25.13 -12.66
CA ALA A 236 -5.77 -25.30 -12.78
C ALA A 236 -6.38 -25.74 -11.43
N HIS A 237 -7.50 -25.13 -11.04
CA HIS A 237 -8.14 -25.46 -9.78
C HIS A 237 -9.64 -25.11 -9.83
N MET A 238 -10.42 -25.84 -9.04
CA MET A 238 -11.81 -25.52 -8.72
C MET A 238 -11.84 -25.04 -7.28
N HIS A 239 -12.51 -23.90 -7.07
CA HIS A 239 -12.71 -23.37 -5.73
C HIS A 239 -13.94 -24.01 -5.08
N PHE A 240 -13.79 -24.35 -3.79
CA PHE A 240 -14.86 -24.86 -2.94
C PHE A 240 -14.85 -24.09 -1.62
N LEU A 241 -15.99 -23.42 -1.36
CA LEU A 241 -16.26 -22.84 -0.08
C LEU A 241 -17.41 -23.67 0.51
N VAL A 242 -17.07 -24.43 1.56
CA VAL A 242 -18.00 -25.38 2.14
C VAL A 242 -18.32 -24.95 3.57
N THR A 243 -19.63 -24.84 3.84
CA THR A 243 -20.12 -24.31 5.10
C THR A 243 -21.19 -25.24 5.66
N ALA A 244 -21.21 -25.38 6.98
CA ALA A 244 -22.30 -26.11 7.62
C ALA A 244 -22.45 -25.59 9.04
N GLU A 245 -23.68 -25.72 9.56
CA GLU A 245 -23.99 -25.28 10.90
C GLU A 245 -23.02 -25.97 11.85
N GLY A 246 -22.40 -25.19 12.74
CA GLY A 246 -21.58 -25.76 13.80
C GLY A 246 -20.17 -26.09 13.34
N CYS A 247 -19.80 -25.77 12.08
CA CYS A 247 -18.51 -26.21 11.55
C CYS A 247 -17.68 -25.00 11.15
N GLU A 248 -16.36 -25.11 11.23
CA GLU A 248 -15.47 -24.11 10.65
C GLU A 248 -15.67 -24.08 9.12
N ARG A 249 -15.74 -22.86 8.62
CA ARG A 249 -15.83 -22.55 7.21
C ARG A 249 -14.60 -23.07 6.49
N LEU A 250 -14.80 -23.88 5.46
CA LEU A 250 -13.70 -24.39 4.66
C LEU A 250 -13.62 -23.57 3.37
N VAL A 251 -12.46 -22.90 3.21
CA VAL A 251 -12.20 -22.07 2.07
C VAL A 251 -11.00 -22.70 1.40
N THR A 252 -11.24 -23.39 0.27
CA THR A 252 -10.20 -24.20 -0.31
C THR A 252 -10.34 -24.28 -1.83
N HIS A 253 -9.41 -25.01 -2.44
CA HIS A 253 -9.54 -25.38 -3.82
C HIS A 253 -9.00 -26.79 -3.99
N THR A 254 -9.42 -27.46 -5.08
CA THR A 254 -8.77 -28.69 -5.50
C THR A 254 -8.00 -28.35 -6.77
N PHE A 255 -6.80 -28.94 -6.90
CA PHE A 255 -5.91 -28.67 -8.02
C PHE A 255 -5.89 -29.86 -8.96
N VAL A 256 -5.79 -29.60 -10.26
CA VAL A 256 -5.77 -30.65 -11.26
C VAL A 256 -4.43 -31.39 -11.19
N GLU A 257 -4.47 -32.67 -10.80
CA GLU A 257 -3.23 -33.45 -10.71
C GLU A 257 -2.45 -33.34 -12.03
N GLY A 258 -1.11 -33.29 -11.94
CA GLY A 258 -0.26 -33.24 -13.14
C GLY A 258 -0.08 -31.86 -13.77
N ASP A 259 -0.77 -30.82 -13.23
CA ASP A 259 -0.67 -29.50 -13.82
C ASP A 259 0.78 -29.02 -13.70
N SER A 260 1.30 -28.46 -14.79
CA SER A 260 2.70 -28.09 -14.83
C SER A 260 3.09 -27.00 -13.80
N TYR A 261 2.11 -26.24 -13.27
CA TYR A 261 2.39 -25.15 -12.35
C TYR A 261 2.22 -25.55 -10.89
N LEU A 262 1.97 -26.82 -10.60
CA LEU A 262 1.75 -27.26 -9.23
C LEU A 262 2.93 -26.91 -8.32
N GLU A 263 4.13 -26.78 -8.86
CA GLU A 263 5.27 -26.45 -8.02
C GLU A 263 5.71 -25.01 -8.22
N SER A 264 4.92 -24.20 -8.91
CA SER A 264 5.28 -22.81 -9.10
C SER A 264 4.05 -21.90 -9.14
N ASP A 265 3.08 -22.18 -8.26
CA ASP A 265 1.90 -21.36 -8.17
C ASP A 265 2.29 -19.93 -7.83
N ALA A 266 1.87 -18.97 -8.66
CA ALA A 266 2.17 -17.56 -8.42
C ALA A 266 1.68 -17.06 -7.06
N VAL A 267 0.68 -17.73 -6.45
CA VAL A 267 0.12 -17.28 -5.18
C VAL A 267 0.32 -18.29 -4.04
N PHE A 268 1.14 -19.33 -4.26
CA PHE A 268 1.65 -20.20 -3.21
C PHE A 268 0.55 -21.04 -2.55
N GLY A 269 -0.50 -21.37 -3.30
CA GLY A 269 -1.69 -21.94 -2.68
C GLY A 269 -1.72 -23.46 -2.64
N VAL A 270 -0.80 -24.13 -3.31
CA VAL A 270 -0.89 -25.57 -3.47
C VAL A 270 -0.54 -26.28 -2.15
N LYS A 271 -1.35 -27.28 -1.82
CA LYS A 271 -1.08 -28.25 -0.77
C LYS A 271 -1.33 -29.63 -1.37
N GLU A 272 -0.44 -30.57 -1.03
CA GLU A 272 -0.43 -31.92 -1.59
C GLU A 272 -1.81 -32.57 -1.48
N ALA A 273 -2.45 -32.41 -0.32
CA ALA A 273 -3.71 -33.12 -0.09
C ALA A 273 -4.85 -32.54 -0.94
N LEU A 274 -4.67 -31.32 -1.47
CA LEU A 274 -5.71 -30.66 -2.26
C LEU A 274 -5.58 -30.98 -3.75
N ILE A 275 -4.59 -31.80 -4.11
CA ILE A 275 -4.47 -32.22 -5.49
C ILE A 275 -5.50 -33.31 -5.79
N ALA A 276 -6.33 -33.09 -6.81
CA ALA A 276 -7.44 -33.98 -7.10
C ALA A 276 -7.15 -34.73 -8.37
N THR A 277 -7.59 -36.01 -8.41
CA THR A 277 -7.46 -36.80 -9.61
C THR A 277 -8.56 -36.45 -10.60
N TYR A 278 -8.20 -36.35 -11.88
CA TYR A 278 -9.17 -36.23 -12.95
C TYR A 278 -9.11 -37.43 -13.89
N ASP A 279 -10.23 -38.14 -14.01
CA ASP A 279 -10.31 -39.37 -14.78
C ASP A 279 -10.99 -39.03 -16.10
N ARG A 280 -10.42 -39.51 -17.19
CA ARG A 280 -10.97 -39.31 -18.52
C ARG A 280 -12.10 -40.32 -18.72
N ASN A 281 -13.20 -39.87 -19.31
CA ASN A 281 -14.39 -40.69 -19.50
C ASN A 281 -14.69 -40.81 -21.00
N SER A 282 -14.01 -41.76 -21.67
CA SER A 282 -14.55 -42.37 -22.87
C SER A 282 -15.78 -43.20 -22.51
N ASP A 283 -15.75 -43.76 -21.30
CA ASP A 283 -16.60 -44.84 -20.85
C ASP A 283 -17.96 -44.29 -20.41
N ASP A 284 -17.93 -43.21 -19.63
CA ASP A 284 -19.12 -42.44 -19.29
C ASP A 284 -19.12 -41.16 -20.14
N PRO A 285 -19.51 -41.19 -21.43
CA PRO A 285 -19.49 -39.98 -22.26
C PRO A 285 -20.66 -39.02 -22.03
N ALA A 286 -21.25 -39.00 -20.82
CA ALA A 286 -21.98 -37.82 -20.37
C ALA A 286 -21.01 -36.63 -20.29
N THR A 287 -19.89 -36.82 -19.59
CA THR A 287 -18.84 -35.82 -19.52
C THR A 287 -17.53 -36.41 -20.01
N ALA A 288 -16.58 -35.57 -20.41
CA ALA A 288 -15.27 -36.02 -20.84
C ALA A 288 -14.43 -36.43 -19.64
N TRP A 289 -14.65 -35.79 -18.49
CA TRP A 289 -13.83 -35.95 -17.31
C TRP A 289 -14.71 -36.15 -16.08
N SER A 290 -14.11 -36.70 -15.02
CA SER A 290 -14.74 -36.68 -13.72
C SER A 290 -13.67 -36.40 -12.68
N SER A 291 -14.06 -35.70 -11.61
CA SER A 291 -13.20 -35.46 -10.46
C SER A 291 -13.98 -35.70 -9.18
N GLN A 292 -13.49 -36.62 -8.36
CA GLN A 292 -14.14 -36.98 -7.10
C GLN A 292 -13.30 -36.45 -5.95
N TYR A 293 -13.95 -35.77 -5.00
CA TYR A 293 -13.23 -35.13 -3.91
C TYR A 293 -14.14 -34.91 -2.72
N ASP A 294 -13.72 -35.44 -1.57
CA ASP A 294 -14.51 -35.41 -0.34
C ASP A 294 -13.96 -34.34 0.59
N PHE A 295 -14.86 -33.60 1.25
CA PHE A 295 -14.48 -32.55 2.17
C PHE A 295 -14.80 -32.97 3.60
N VAL A 296 -13.85 -32.73 4.51
CA VAL A 296 -14.02 -33.10 5.91
C VAL A 296 -13.93 -31.82 6.75
N LEU A 297 -15.04 -31.44 7.38
CA LEU A 297 -15.16 -30.21 8.17
C LEU A 297 -14.85 -30.47 9.64
N THR A 298 -14.39 -29.46 10.39
CA THR A 298 -14.33 -29.54 11.84
C THR A 298 -15.32 -28.64 12.56
N ARG A 299 -15.69 -29.11 13.76
CA ARG A 299 -16.38 -28.32 14.77
C ARG A 299 -15.37 -27.32 15.31
N THR B 23 8.65 -29.21 -0.21
CA THR B 23 8.02 -28.83 -1.52
C THR B 23 7.30 -27.50 -1.36
N TYR B 24 6.17 -27.47 -0.63
CA TYR B 24 5.20 -26.38 -0.77
C TYR B 24 5.33 -25.35 0.36
N PHE B 25 4.54 -24.27 0.25
CA PHE B 25 4.53 -23.20 1.23
C PHE B 25 4.27 -23.73 2.63
N THR B 26 5.12 -23.29 3.57
CA THR B 26 4.86 -23.51 4.98
C THR B 26 5.06 -22.18 5.68
N GLU B 27 4.46 -22.04 6.85
CA GLU B 27 4.60 -20.83 7.62
C GLU B 27 6.09 -20.58 7.92
N ASP B 28 6.83 -21.61 8.31
CA ASP B 28 8.21 -21.39 8.76
C ASP B 28 9.14 -21.17 7.60
N GLN B 29 8.77 -21.56 6.39
CA GLN B 29 9.59 -21.28 5.23
C GLN B 29 8.93 -20.24 4.32
N SER B 30 7.99 -19.46 4.84
CA SER B 30 7.20 -18.55 4.01
C SER B 30 8.11 -17.60 3.22
N VAL B 31 9.11 -17.04 3.91
CA VAL B 31 9.96 -16.02 3.29
C VAL B 31 10.81 -16.65 2.17
N ASP B 32 11.48 -17.76 2.45
CA ASP B 32 12.27 -18.45 1.44
C ASP B 32 11.42 -18.88 0.25
N THR B 33 10.23 -19.38 0.52
CA THR B 33 9.32 -19.84 -0.52
C THR B 33 9.05 -18.70 -1.52
N VAL B 34 8.67 -17.54 -1.01
CA VAL B 34 8.30 -16.41 -1.86
C VAL B 34 9.56 -15.88 -2.54
N ASN B 35 10.63 -15.65 -1.77
CA ASN B 35 11.80 -15.04 -2.38
C ASN B 35 12.44 -15.99 -3.39
N GLY B 36 12.37 -17.29 -3.14
CA GLY B 36 12.94 -18.26 -4.04
C GLY B 36 12.28 -18.25 -5.42
N ARG B 37 11.09 -17.67 -5.58
CA ARG B 37 10.50 -17.65 -6.91
C ARG B 37 11.15 -16.62 -7.81
N MET B 38 11.87 -15.65 -7.25
CA MET B 38 12.50 -14.65 -8.09
C MET B 38 13.45 -15.29 -9.11
N GLY B 39 13.29 -14.88 -10.37
CA GLY B 39 14.13 -15.34 -11.47
C GLY B 39 15.30 -14.40 -11.80
N ILE B 40 15.41 -13.27 -11.12
CA ILE B 40 16.47 -12.30 -11.37
C ILE B 40 17.65 -12.64 -10.44
N ASP B 41 18.81 -12.05 -10.72
CA ASP B 41 20.02 -12.29 -9.94
C ASP B 41 19.86 -11.74 -8.53
N ALA B 42 20.44 -12.42 -7.55
CA ALA B 42 20.34 -12.06 -6.14
C ALA B 42 20.87 -10.66 -5.85
N GLY B 43 21.77 -10.18 -6.70
CA GLY B 43 22.42 -8.89 -6.52
C GLY B 43 21.72 -7.77 -7.26
N ASP B 44 20.70 -8.08 -8.07
CA ASP B 44 19.93 -7.06 -8.78
C ASP B 44 19.20 -6.25 -7.71
N ARG B 45 19.20 -4.92 -7.85
CA ARG B 45 18.60 -4.09 -6.82
C ARG B 45 17.16 -4.54 -6.49
N ALA B 46 16.35 -4.87 -7.50
CA ALA B 46 14.97 -5.27 -7.22
C ALA B 46 14.94 -6.49 -6.32
N ALA B 47 15.89 -7.41 -6.52
CA ALA B 47 15.92 -8.63 -5.70
C ALA B 47 16.31 -8.32 -4.26
N VAL B 48 17.32 -7.45 -4.10
CA VAL B 48 17.76 -7.06 -2.78
C VAL B 48 16.61 -6.41 -2.01
N VAL B 49 15.91 -5.46 -2.66
CA VAL B 49 14.83 -4.72 -2.00
C VAL B 49 13.68 -5.68 -1.68
N MET B 50 13.26 -6.46 -2.66
CA MET B 50 12.10 -7.30 -2.48
C MET B 50 12.39 -8.44 -1.51
N GLU B 51 13.60 -8.99 -1.49
CA GLU B 51 13.95 -9.98 -0.46
C GLU B 51 13.67 -9.44 0.94
N SER B 52 14.08 -8.20 1.18
CA SER B 52 13.96 -7.58 2.48
C SER B 52 12.51 -7.17 2.76
N LEU B 53 11.82 -6.73 1.70
CA LEU B 53 10.43 -6.36 1.85
C LEU B 53 9.60 -7.57 2.28
N VAL B 54 9.78 -8.69 1.59
CA VAL B 54 9.03 -9.90 1.92
C VAL B 54 9.41 -10.40 3.31
N ARG B 55 10.70 -10.40 3.61
CA ARG B 55 11.16 -10.83 4.91
C ARG B 55 10.49 -10.00 6.01
N HIS B 56 10.48 -8.66 5.86
CA HIS B 56 9.95 -7.80 6.91
C HIS B 56 8.42 -7.91 7.00
N LEU B 57 7.78 -8.02 5.84
CA LEU B 57 6.32 -8.07 5.79
C LEU B 57 5.83 -9.37 6.42
N HIS B 58 6.46 -10.50 6.12
CA HIS B 58 6.07 -11.77 6.73
C HIS B 58 6.37 -11.73 8.24
N SER B 59 7.52 -11.16 8.65
CA SER B 59 7.88 -11.07 10.06
CA SER B 59 7.84 -11.11 10.06
C SER B 59 6.80 -10.30 10.82
N PHE B 60 6.34 -9.19 10.22
CA PHE B 60 5.29 -8.36 10.80
C PHE B 60 4.01 -9.16 11.00
N VAL B 61 3.55 -9.84 9.94
CA VAL B 61 2.30 -10.59 10.00
C VAL B 61 2.37 -11.64 11.12
N LYS B 62 3.47 -12.35 11.21
CA LYS B 62 3.70 -13.35 12.24
C LYS B 62 3.82 -12.72 13.64
N ASP B 63 4.51 -11.58 13.71
CA ASP B 63 4.77 -10.91 14.98
C ASP B 63 3.47 -10.64 15.73
N VAL B 64 2.44 -10.14 15.04
CA VAL B 64 1.27 -9.64 15.74
C VAL B 64 0.06 -10.52 15.43
N GLY B 65 0.23 -11.54 14.61
CA GLY B 65 -0.84 -12.48 14.32
C GLY B 65 -2.03 -11.83 13.62
N ILE B 66 -1.73 -11.21 12.46
CA ILE B 66 -2.76 -10.58 11.66
C ILE B 66 -3.89 -11.56 11.41
N THR B 67 -5.12 -11.15 11.76
CA THR B 67 -6.31 -11.96 11.53
C THR B 67 -6.83 -11.78 10.11
N GLN B 68 -7.72 -12.67 9.69
CA GLN B 68 -8.33 -12.53 8.38
C GLN B 68 -9.05 -11.18 8.27
N ALA B 69 -9.73 -10.78 9.34
CA ALA B 69 -10.52 -9.56 9.36
C ALA B 69 -9.60 -8.35 9.24
N GLU B 70 -8.46 -8.39 9.97
CA GLU B 70 -7.48 -7.29 9.96
C GLU B 70 -6.89 -7.18 8.57
N TRP B 71 -6.57 -8.33 7.96
CA TRP B 71 -6.06 -8.35 6.59
C TRP B 71 -7.05 -7.64 5.65
N GLY B 72 -8.32 -8.01 5.76
CA GLY B 72 -9.37 -7.43 4.93
C GLY B 72 -9.48 -5.92 5.15
N LEU B 73 -9.29 -5.49 6.41
CA LEU B 73 -9.36 -4.07 6.74
C LEU B 73 -8.22 -3.32 6.06
N ALA B 74 -7.02 -3.92 6.11
CA ALA B 74 -5.85 -3.37 5.44
C ALA B 74 -6.05 -3.29 3.92
N ILE B 75 -6.58 -4.35 3.31
CA ILE B 75 -6.82 -4.32 1.87
C ILE B 75 -7.69 -3.12 1.53
N ASP B 76 -8.79 -2.99 2.27
CA ASP B 76 -9.76 -1.93 2.02
C ASP B 76 -9.07 -0.57 2.20
N PHE B 77 -8.25 -0.44 3.26
CA PHE B 77 -7.63 0.82 3.60
C PHE B 77 -6.64 1.23 2.52
N LEU B 78 -5.75 0.33 2.12
CA LEU B 78 -4.79 0.59 1.06
C LEU B 78 -5.53 0.95 -0.23
N THR B 79 -6.61 0.24 -0.54
CA THR B 79 -7.36 0.52 -1.74
C THR B 79 -7.92 1.96 -1.73
N ARG B 80 -8.57 2.33 -0.64
CA ARG B 80 -9.16 3.65 -0.48
C ARG B 80 -8.08 4.73 -0.53
N THR B 81 -6.90 4.44 0.03
CA THR B 81 -5.78 5.37 0.05
C THR B 81 -5.36 5.69 -1.38
N GLY B 82 -5.27 4.69 -2.25
CA GLY B 82 -4.88 4.97 -3.63
C GLY B 82 -6.02 5.66 -4.40
N GLN B 83 -7.25 5.28 -4.07
CA GLN B 83 -8.39 5.74 -4.85
C GLN B 83 -8.66 7.22 -4.60
N ILE B 84 -8.30 7.72 -3.40
CA ILE B 84 -8.56 9.12 -3.10
C ILE B 84 -7.43 10.01 -3.60
N CYS B 85 -6.33 9.42 -4.06
CA CYS B 85 -5.26 10.18 -4.67
C CYS B 85 -5.76 10.81 -5.97
N GLY B 86 -5.20 11.96 -6.32
CA GLY B 86 -5.60 12.66 -7.52
C GLY B 86 -4.93 14.02 -7.60
N PRO B 87 -5.24 14.80 -8.66
CA PRO B 87 -4.61 16.10 -8.90
C PRO B 87 -4.24 16.87 -7.64
N GLU B 88 -5.08 16.82 -6.60
CA GLU B 88 -4.92 17.73 -5.48
C GLU B 88 -4.71 17.03 -4.14
N ARG B 89 -4.31 15.76 -4.18
CA ARG B 89 -4.15 15.04 -2.94
C ARG B 89 -3.32 13.77 -3.15
N GLN B 90 -2.23 13.61 -2.39
CA GLN B 90 -1.46 12.39 -2.47
C GLN B 90 -1.52 11.70 -1.10
N GLU B 91 -2.53 10.85 -0.94
CA GLU B 91 -2.83 10.24 0.34
C GLU B 91 -1.77 9.19 0.70
N PHE B 92 -1.16 8.54 -0.30
CA PHE B 92 -0.03 7.67 0.02
C PHE B 92 1.18 8.45 0.55
N ILE B 93 1.46 9.65 0.01
CA ILE B 93 2.52 10.47 0.59
C ILE B 93 2.17 10.81 2.04
N LEU B 94 0.92 11.22 2.27
CA LEU B 94 0.49 11.54 3.62
C LEU B 94 0.65 10.35 4.57
N LEU B 95 0.38 9.13 4.08
CA LEU B 95 0.52 7.94 4.90
C LEU B 95 2.00 7.76 5.24
N SER B 96 2.86 7.86 4.20
CA SER B 96 4.30 7.78 4.40
C SER B 96 4.77 8.84 5.39
N ASP B 97 4.24 10.06 5.23
CA ASP B 97 4.69 11.17 6.05
C ASP B 97 4.33 10.93 7.51
N THR B 98 3.07 10.52 7.77
CA THR B 98 2.58 10.40 9.12
C THR B 98 3.11 9.17 9.83
N LEU B 99 3.66 8.19 9.09
CA LEU B 99 4.28 7.04 9.73
C LEU B 99 5.79 7.23 9.83
N GLY B 100 6.29 8.41 9.49
CA GLY B 100 7.70 8.72 9.68
C GLY B 100 8.62 8.15 8.59
N VAL B 101 8.01 7.54 7.58
CA VAL B 101 8.80 6.91 6.55
C VAL B 101 9.47 7.99 5.70
N SER B 102 8.73 9.07 5.41
CA SER B 102 9.26 10.10 4.56
C SER B 102 10.47 10.75 5.22
N MET B 103 10.30 11.13 6.49
CA MET B 103 11.43 11.74 7.20
C MET B 103 12.62 10.77 7.23
N LEU B 104 12.35 9.48 7.44
CA LEU B 104 13.42 8.48 7.54
C LEU B 104 14.19 8.36 6.22
N VAL B 105 13.48 8.36 5.10
CA VAL B 105 14.13 8.26 3.78
C VAL B 105 14.97 9.50 3.54
N ASP B 106 14.43 10.68 3.90
CA ASP B 106 15.23 11.87 3.79
C ASP B 106 16.47 11.78 4.67
N ALA B 107 16.34 11.34 5.93
CA ALA B 107 17.44 11.25 6.86
C ALA B 107 18.55 10.35 6.31
N ILE B 108 18.21 9.13 5.86
CA ILE B 108 19.30 8.19 5.59
C ILE B 108 19.99 8.50 4.26
N ASN B 109 19.36 9.32 3.40
CA ASN B 109 19.93 9.67 2.12
C ASN B 109 20.70 10.99 2.16
N HIS B 110 20.93 11.59 3.32
CA HIS B 110 21.72 12.82 3.41
C HIS B 110 22.68 12.71 4.58
N ARG B 111 23.93 13.11 4.33
CA ARG B 111 24.93 13.18 5.37
C ARG B 111 25.78 14.39 5.01
N ARG B 112 25.17 15.57 5.17
CA ARG B 112 25.79 16.81 4.74
C ARG B 112 26.81 17.29 5.76
N PRO B 113 27.77 18.13 5.34
CA PRO B 113 28.74 18.66 6.29
C PRO B 113 28.08 19.61 7.28
N THR B 114 28.71 19.73 8.47
CA THR B 114 28.46 20.78 9.44
C THR B 114 28.42 22.13 8.74
N GLY B 115 27.41 22.94 9.08
CA GLY B 115 27.26 24.26 8.50
C GLY B 115 26.31 24.31 7.29
N ALA B 116 26.08 23.19 6.59
CA ALA B 116 25.16 23.19 5.46
C ALA B 116 23.73 23.08 5.99
N THR B 117 22.80 23.76 5.34
CA THR B 117 21.42 23.71 5.78
C THR B 117 20.91 22.29 5.62
N GLU B 118 20.15 21.84 6.61
CA GLU B 118 19.60 20.48 6.64
C GLU B 118 18.38 20.36 5.72
N ASN B 119 18.26 19.21 5.09
CA ASN B 119 17.03 18.77 4.44
C ASN B 119 15.96 18.45 5.49
N THR B 120 14.70 18.41 5.04
CA THR B 120 13.67 17.71 5.80
C THR B 120 12.62 17.16 4.84
N VAL B 121 11.53 16.60 5.41
CA VAL B 121 10.47 15.96 4.64
C VAL B 121 10.01 16.92 3.57
N PHE B 122 9.72 16.39 2.39
CA PHE B 122 9.26 17.19 1.27
C PHE B 122 7.80 17.53 1.46
N GLY B 123 7.01 16.54 1.88
CA GLY B 123 5.57 16.72 1.92
C GLY B 123 5.00 16.64 0.51
N PRO B 124 3.67 16.64 0.34
CA PRO B 124 3.10 16.40 -0.98
C PRO B 124 2.68 17.61 -1.80
N PHE B 125 3.04 18.82 -1.37
CA PHE B 125 2.39 20.01 -1.92
C PHE B 125 3.30 20.89 -2.76
N HIS B 126 4.50 20.40 -3.10
CA HIS B 126 5.33 21.12 -4.06
C HIS B 126 4.69 20.98 -5.44
N VAL B 127 4.77 22.05 -6.22
CA VAL B 127 4.26 22.03 -7.57
C VAL B 127 5.34 22.62 -8.47
N GLU B 128 5.73 21.86 -9.50
CA GLU B 128 6.79 22.29 -10.38
C GLU B 128 6.32 23.43 -11.26
N GLY B 129 7.28 24.26 -11.68
CA GLY B 129 7.02 25.29 -12.67
C GLY B 129 6.30 26.49 -12.09
N ALA B 130 6.53 26.83 -10.80
CA ALA B 130 5.91 28.02 -10.24
C ALA B 130 6.48 29.26 -10.93
N PRO B 131 5.71 30.35 -11.07
CA PRO B 131 6.19 31.56 -11.71
C PRO B 131 7.51 32.02 -11.10
N ILE B 132 8.39 32.43 -12.01
CA ILE B 132 9.62 33.11 -11.64
C ILE B 132 9.28 34.57 -11.42
N ARG B 133 9.44 35.01 -10.17
CA ARG B 133 9.01 36.32 -9.74
C ARG B 133 10.24 37.20 -9.52
N GLN B 134 10.02 38.52 -9.40
CA GLN B 134 11.09 39.45 -9.09
C GLN B 134 11.29 39.46 -7.57
N MET B 135 12.53 39.72 -7.13
CA MET B 135 12.78 39.91 -5.71
C MET B 135 11.87 41.05 -5.21
N GLY B 136 11.26 40.87 -4.05
CA GLY B 136 10.33 41.85 -3.51
C GLY B 136 8.87 41.63 -3.92
N ASP B 137 8.62 40.77 -4.91
CA ASP B 137 7.25 40.44 -5.28
C ASP B 137 6.56 39.76 -4.12
N ASP B 138 5.23 39.86 -4.18
CA ASP B 138 4.32 39.32 -3.19
C ASP B 138 3.74 38.02 -3.72
N ILE B 139 3.99 36.92 -3.01
CA ILE B 139 3.48 35.62 -3.44
C ILE B 139 2.06 35.40 -2.91
N SER B 140 1.61 36.25 -1.97
CA SER B 140 0.27 36.10 -1.40
C SER B 140 -0.75 36.78 -2.32
N LEU B 141 -1.42 36.03 -3.17
CA LEU B 141 -2.32 36.60 -4.17
C LEU B 141 -3.74 36.84 -3.63
N ASP B 142 -4.15 36.21 -2.54
CA ASP B 142 -5.51 36.40 -2.05
C ASP B 142 -5.51 37.31 -0.82
N GLY B 143 -4.33 37.71 -0.35
CA GLY B 143 -4.23 38.65 0.76
C GLY B 143 -4.82 38.11 2.06
N LYS B 144 -4.86 36.78 2.22
CA LYS B 144 -5.29 36.13 3.44
C LYS B 144 -4.07 35.71 4.26
N GLY B 145 -3.89 36.44 5.37
CA GLY B 145 -2.87 36.20 6.38
C GLY B 145 -2.21 37.51 6.78
N GLU B 146 -1.27 37.49 7.72
CA GLU B 146 -0.51 38.65 8.10
C GLU B 146 0.71 38.71 7.18
N SER B 147 0.90 39.86 6.52
CA SER B 147 1.98 40.06 5.57
C SER B 147 3.32 39.87 6.28
N CYS B 148 4.26 39.29 5.54
CA CYS B 148 5.57 39.00 6.08
C CYS B 148 6.60 39.19 4.98
N LEU B 149 7.73 39.80 5.36
CA LEU B 149 8.85 39.97 4.44
C LEU B 149 9.86 38.85 4.71
N PHE B 150 10.18 38.07 3.67
CA PHE B 150 11.12 36.96 3.82
C PHE B 150 12.40 37.33 3.07
N ALA B 151 13.53 37.16 3.74
CA ALA B 151 14.78 37.59 3.15
C ALA B 151 15.91 36.73 3.68
N GLY B 152 17.00 36.66 2.90
CA GLY B 152 18.21 35.98 3.37
C GLY B 152 19.20 35.85 2.23
N GLN B 153 20.23 35.03 2.48
CA GLN B 153 21.31 34.87 1.51
C GLN B 153 21.58 33.39 1.28
N VAL B 154 21.81 33.01 0.02
CA VAL B 154 22.32 31.69 -0.31
C VAL B 154 23.83 31.74 -0.46
N ARG B 155 24.53 30.86 0.26
CA ARG B 155 25.99 30.83 0.20
C ARG B 155 26.48 29.39 0.11
N ASP B 156 27.78 29.21 -0.17
CA ASP B 156 28.41 27.92 -0.04
C ASP B 156 29.03 27.79 1.35
N LEU B 157 29.63 26.61 1.58
CA LEU B 157 30.14 26.21 2.88
C LEU B 157 31.32 27.10 3.25
N ASP B 158 32.03 27.61 2.24
CA ASP B 158 33.15 28.50 2.47
C ASP B 158 32.68 29.92 2.74
N GLY B 159 31.39 30.23 2.57
CA GLY B 159 30.92 31.55 2.94
C GLY B 159 30.72 32.49 1.74
N HIS B 160 30.89 31.98 0.53
CA HIS B 160 30.71 32.81 -0.65
C HIS B 160 29.26 32.80 -1.11
N PRO B 161 28.68 33.97 -1.40
CA PRO B 161 27.33 34.01 -1.97
C PRO B 161 27.31 33.20 -3.25
N ILE B 162 26.17 32.57 -3.51
CA ILE B 162 25.94 31.81 -4.72
C ILE B 162 25.02 32.63 -5.62
N GLU B 163 25.49 32.87 -6.84
CA GLU B 163 24.76 33.61 -7.83
C GLU B 163 24.01 32.63 -8.69
N GLY B 164 22.74 32.93 -8.99
CA GLY B 164 21.95 32.09 -9.86
C GLY B 164 21.39 30.84 -9.16
N ALA B 165 21.37 30.81 -7.82
CA ALA B 165 20.54 29.84 -7.12
C ALA B 165 19.07 30.13 -7.36
N CYS B 166 18.27 29.06 -7.41
CA CYS B 166 16.83 29.19 -7.53
C CYS B 166 16.23 28.85 -6.18
N VAL B 167 15.45 29.80 -5.64
CA VAL B 167 14.73 29.65 -4.39
C VAL B 167 13.24 29.50 -4.72
N ASP B 168 12.76 28.26 -4.52
CA ASP B 168 11.44 27.81 -4.90
C ASP B 168 10.66 27.63 -3.59
N VAL B 169 9.64 28.47 -3.37
CA VAL B 169 9.01 28.57 -2.07
C VAL B 169 7.51 28.29 -2.18
N TRP B 170 6.97 27.71 -1.10
CA TRP B 170 5.54 27.46 -1.06
C TRP B 170 5.10 27.36 0.40
N SER B 171 3.90 27.89 0.67
CA SER B 171 3.30 27.83 1.98
C SER B 171 1.78 27.74 1.82
N ASP B 172 1.11 27.44 2.93
CA ASP B 172 -0.35 27.49 2.99
C ASP B 172 -0.78 28.94 3.10
N ASN B 173 -2.09 29.20 2.93
CA ASN B 173 -2.65 30.51 3.24
C ASN B 173 -3.23 30.46 4.66
N ALA B 174 -3.92 31.54 5.06
CA ALA B 174 -4.37 31.67 6.44
C ALA B 174 -5.49 30.67 6.76
N ASP B 175 -6.19 30.15 5.74
CA ASP B 175 -7.24 29.16 5.91
C ASP B 175 -6.66 27.76 6.15
N GLY B 176 -5.32 27.61 6.07
CA GLY B 176 -4.63 26.35 6.35
C GLY B 176 -4.58 25.42 5.14
N TYR B 177 -4.71 25.97 3.92
CA TYR B 177 -4.71 25.18 2.70
C TYR B 177 -3.66 25.71 1.70
N TYR B 178 -3.03 24.76 0.98
CA TYR B 178 -2.26 25.07 -0.22
C TYR B 178 -3.22 25.35 -1.36
N ASP B 179 -2.78 26.17 -2.34
CA ASP B 179 -3.60 26.56 -3.48
C ASP B 179 -4.32 25.36 -4.12
N VAL B 180 -3.57 24.26 -4.30
CA VAL B 180 -4.04 23.09 -5.03
C VAL B 180 -5.15 22.37 -4.26
N GLN B 181 -5.27 22.63 -2.93
CA GLN B 181 -6.32 22.00 -2.16
C GLN B 181 -7.65 22.72 -2.37
N GLN B 182 -7.62 23.98 -2.85
CA GLN B 182 -8.83 24.73 -3.12
C GLN B 182 -8.75 25.33 -4.51
N PRO B 183 -8.72 24.50 -5.57
CA PRO B 183 -8.62 24.98 -6.94
C PRO B 183 -9.70 25.98 -7.38
N ASP B 184 -10.90 25.91 -6.83
CA ASP B 184 -11.94 26.83 -7.28
C ASP B 184 -12.00 28.08 -6.40
N ILE B 185 -11.14 28.16 -5.37
CA ILE B 185 -11.23 29.24 -4.41
C ILE B 185 -9.94 30.07 -4.42
N GLN B 186 -8.79 29.42 -4.20
CA GLN B 186 -7.52 30.13 -4.13
C GLN B 186 -7.06 30.40 -5.56
N PRO B 187 -6.44 31.58 -5.84
CA PRO B 187 -5.79 31.80 -7.13
C PRO B 187 -4.68 30.77 -7.32
N GLN B 188 -4.47 30.41 -8.58
CA GLN B 188 -3.37 29.54 -8.93
C GLN B 188 -2.06 30.21 -8.52
N TRP B 189 -1.16 29.43 -7.93
CA TRP B 189 0.17 29.89 -7.58
C TRP B 189 0.15 30.77 -6.34
N ASN B 190 -0.97 30.77 -5.63
CA ASN B 190 -1.04 31.44 -4.33
C ASN B 190 0.04 30.88 -3.40
N ASN B 191 0.80 31.78 -2.80
CA ASN B 191 1.88 31.47 -1.88
C ASN B 191 2.91 30.54 -2.51
N ARG B 192 3.17 30.76 -3.80
CA ARG B 192 4.21 30.03 -4.53
C ARG B 192 5.02 31.01 -5.38
N GLY B 193 6.30 30.72 -5.56
CA GLY B 193 7.14 31.49 -6.46
C GLY B 193 8.55 30.94 -6.51
N ARG B 194 9.26 31.25 -7.61
CA ARG B 194 10.66 30.95 -7.78
C ARG B 194 11.44 32.25 -7.96
N PHE B 195 12.54 32.36 -7.22
CA PHE B 195 13.37 33.55 -7.22
C PHE B 195 14.81 33.15 -7.55
N LEU B 196 15.47 33.92 -8.41
CA LEU B 196 16.84 33.63 -8.83
C LEU B 196 17.79 34.61 -8.18
N THR B 197 18.78 34.13 -7.41
CA THR B 197 19.67 35.04 -6.72
C THR B 197 20.60 35.75 -7.72
N GLY B 198 20.90 37.01 -7.39
CA GLY B 198 21.95 37.77 -8.04
C GLY B 198 23.30 37.46 -7.42
N ALA B 199 24.30 38.31 -7.72
CA ALA B 199 25.69 38.07 -7.38
C ALA B 199 25.90 38.08 -5.87
N ASP B 200 25.08 38.85 -5.14
CA ASP B 200 25.14 38.89 -3.69
C ASP B 200 24.45 37.67 -3.03
N GLY B 201 23.87 36.76 -3.82
CA GLY B 201 23.27 35.55 -3.28
C GLY B 201 21.94 35.79 -2.52
N ARG B 202 21.42 37.02 -2.55
CA ARG B 202 20.32 37.37 -1.67
C ARG B 202 18.97 37.08 -2.33
N TYR B 203 18.01 36.70 -1.46
CA TYR B 203 16.62 36.62 -1.85
C TYR B 203 15.78 37.52 -0.96
N LEU B 204 14.66 37.94 -1.52
CA LEU B 204 13.68 38.76 -0.82
C LEU B 204 12.32 38.53 -1.48
N PHE B 205 11.30 38.22 -0.67
CA PHE B 205 9.96 38.25 -1.20
C PHE B 205 8.96 38.58 -0.09
N ARG B 206 7.76 38.99 -0.51
CA ARG B 206 6.66 39.19 0.42
C ARG B 206 5.72 37.98 0.34
N GLY B 207 5.25 37.56 1.52
CA GLY B 207 4.23 36.54 1.61
C GLY B 207 3.37 36.78 2.84
N ILE B 208 2.91 35.69 3.44
CA ILE B 208 2.20 35.80 4.70
C ILE B 208 2.95 34.98 5.72
N LYS B 209 2.74 35.33 6.98
CA LYS B 209 3.30 34.53 8.06
C LYS B 209 2.56 33.18 8.02
N PRO B 210 3.24 32.03 7.91
CA PRO B 210 2.51 30.77 7.76
C PRO B 210 1.71 30.40 9.01
N THR B 211 0.67 29.60 8.80
CA THR B 211 -0.24 29.16 9.84
C THR B 211 -0.12 27.64 10.00
N ALA B 212 -0.16 27.15 11.25
CA ALA B 212 -0.22 25.72 11.54
C ALA B 212 -1.36 25.10 10.76
N TYR B 213 -1.21 23.91 10.21
CA TYR B 213 -2.36 23.36 9.48
C TYR B 213 -2.47 21.86 9.72
N PRO B 214 -3.72 21.32 9.71
CA PRO B 214 -3.92 19.88 9.73
C PRO B 214 -3.67 19.36 8.33
N ILE B 215 -3.02 18.21 8.23
CA ILE B 215 -3.01 17.50 6.97
C ILE B 215 -4.45 17.10 6.68
N PRO B 216 -4.81 16.85 5.40
CA PRO B 216 -6.17 16.43 5.07
C PRO B 216 -6.49 15.17 5.84
N ASP B 217 -7.62 15.23 6.55
CA ASP B 217 -7.95 14.25 7.56
C ASP B 217 -9.28 13.57 7.24
N ASP B 218 -9.79 13.72 6.02
CA ASP B 218 -11.08 13.15 5.71
C ASP B 218 -10.95 11.79 5.01
N GLY B 219 -9.72 11.32 4.80
CA GLY B 219 -9.54 10.03 4.14
C GLY B 219 -8.90 9.05 5.11
N PRO B 220 -8.32 7.96 4.56
CA PRO B 220 -7.73 6.92 5.41
C PRO B 220 -6.71 7.41 6.43
N VAL B 221 -5.83 8.33 6.04
CA VAL B 221 -4.76 8.78 6.92
C VAL B 221 -5.38 9.47 8.14
N GLY B 222 -6.36 10.36 7.90
CA GLY B 222 -7.10 10.96 9.01
C GLY B 222 -7.78 9.93 9.89
N GLN B 223 -8.37 8.91 9.27
CA GLN B 223 -9.02 7.85 10.02
C GLN B 223 -8.00 7.14 10.91
N LEU B 224 -6.82 6.86 10.37
CA LEU B 224 -5.82 6.14 11.12
C LEU B 224 -5.32 6.96 12.31
N LEU B 225 -5.01 8.24 12.08
CA LEU B 225 -4.52 9.09 13.14
C LEU B 225 -5.54 9.18 14.26
N ASP B 226 -6.79 9.37 13.89
CA ASP B 226 -7.88 9.39 14.85
C ASP B 226 -7.89 8.09 15.64
N ARG B 227 -7.76 6.93 14.97
CA ARG B 227 -7.82 5.67 15.69
C ARG B 227 -6.64 5.49 16.64
N LEU B 228 -5.49 6.09 16.31
CA LEU B 228 -4.31 5.99 17.16
C LEU B 228 -4.24 7.13 18.21
N GLY B 229 -5.27 8.00 18.24
CA GLY B 229 -5.33 9.12 19.16
C GLY B 229 -4.19 10.10 18.90
N ARG B 230 -3.92 10.34 17.61
CA ARG B 230 -2.96 11.34 17.19
C ARG B 230 -3.67 12.47 16.46
N HIS B 231 -3.10 13.67 16.56
CA HIS B 231 -3.65 14.84 15.88
C HIS B 231 -3.09 14.90 14.46
N PRO B 232 -3.73 15.61 13.52
CA PRO B 232 -3.20 15.75 12.16
C PRO B 232 -2.35 16.99 11.85
N TYR B 233 -1.85 17.67 12.89
CA TYR B 233 -1.32 19.01 12.71
C TYR B 233 0.19 19.04 12.45
N ARG B 234 0.56 20.05 11.65
CA ARG B 234 1.93 20.46 11.47
C ARG B 234 2.09 21.88 12.02
N PRO B 235 3.26 22.18 12.64
CA PRO B 235 3.60 23.57 12.99
C PRO B 235 3.75 24.39 11.72
N ALA B 236 3.49 25.71 11.84
CA ALA B 236 3.57 26.64 10.73
C ALA B 236 4.96 26.59 10.09
N HIS B 237 5.02 26.60 8.75
CA HIS B 237 6.31 26.50 8.07
C HIS B 237 6.17 27.09 6.67
N MET B 238 7.35 27.55 6.17
CA MET B 238 7.51 27.97 4.79
C MET B 238 8.44 26.95 4.14
N HIS B 239 8.05 26.43 2.98
CA HIS B 239 8.90 25.51 2.24
C HIS B 239 9.87 26.26 1.35
N PHE B 240 11.12 25.76 1.30
CA PHE B 240 12.14 26.25 0.40
C PHE B 240 12.83 25.07 -0.28
N LEU B 241 12.77 25.08 -1.61
CA LEU B 241 13.55 24.20 -2.45
C LEU B 241 14.60 25.07 -3.13
N VAL B 242 15.87 24.90 -2.72
CA VAL B 242 16.95 25.75 -3.22
C VAL B 242 17.91 24.90 -4.04
N THR B 243 18.09 25.30 -5.31
CA THR B 243 18.92 24.57 -6.26
C THR B 243 20.00 25.48 -6.84
N ALA B 244 21.19 24.93 -7.09
CA ALA B 244 22.22 25.67 -7.81
C ALA B 244 23.15 24.67 -8.49
N GLU B 245 23.70 25.11 -9.63
CA GLU B 245 24.72 24.38 -10.37
C GLU B 245 25.79 23.90 -9.42
N GLY B 246 26.06 22.59 -9.42
CA GLY B 246 27.18 22.06 -8.68
C GLY B 246 26.90 21.84 -7.19
N CYS B 247 25.65 22.05 -6.77
CA CYS B 247 25.31 21.94 -5.35
C CYS B 247 24.28 20.86 -5.15
N GLU B 248 24.31 20.24 -3.97
CA GLU B 248 23.21 19.36 -3.59
C GLU B 248 21.94 20.17 -3.45
N ARG B 249 20.86 19.62 -4.02
CA ARG B 249 19.50 20.12 -3.91
C ARG B 249 19.10 20.23 -2.44
N LEU B 250 18.67 21.43 -2.00
CA LEU B 250 18.19 21.62 -0.63
C LEU B 250 16.67 21.63 -0.66
N VAL B 251 16.07 20.64 0.00
CA VAL B 251 14.63 20.51 0.12
C VAL B 251 14.33 20.64 1.61
N THR B 252 13.80 21.81 1.99
CA THR B 252 13.72 22.10 3.41
C THR B 252 12.48 22.95 3.70
N HIS B 253 12.30 23.24 4.99
CA HIS B 253 11.37 24.27 5.40
C HIS B 253 11.94 25.01 6.59
N THR B 254 11.46 26.23 6.83
CA THR B 254 11.73 26.91 8.07
C THR B 254 10.43 26.93 8.86
N PHE B 255 10.56 26.75 10.18
CA PHE B 255 9.43 26.66 11.08
C PHE B 255 9.27 27.95 11.88
N VAL B 256 8.03 28.28 12.24
CA VAL B 256 7.76 29.54 12.92
C VAL B 256 8.13 29.35 14.40
N GLU B 257 9.14 30.09 14.86
CA GLU B 257 9.59 29.98 16.25
C GLU B 257 8.39 30.01 17.19
N GLY B 258 8.37 29.13 18.22
CA GLY B 258 7.39 29.21 19.28
C GLY B 258 6.05 28.55 18.94
N ASP B 259 5.91 27.92 17.75
CA ASP B 259 4.66 27.28 17.38
C ASP B 259 4.42 26.13 18.37
N SER B 260 3.22 26.04 18.92
CA SER B 260 2.95 25.03 19.94
C SER B 260 3.02 23.59 19.39
N TYR B 261 2.95 23.40 18.06
CA TYR B 261 3.08 22.07 17.47
C TYR B 261 4.53 21.68 17.13
N LEU B 262 5.52 22.52 17.43
CA LEU B 262 6.91 22.18 17.12
C LEU B 262 7.33 20.87 17.78
N GLU B 263 6.70 20.49 18.89
CA GLU B 263 7.12 19.25 19.54
C GLU B 263 6.20 18.10 19.20
N SER B 264 5.25 18.29 18.28
CA SER B 264 4.36 17.20 17.95
C SER B 264 3.96 17.25 16.46
N ASP B 265 4.92 17.57 15.60
CA ASP B 265 4.69 17.56 14.16
C ASP B 265 4.16 16.20 13.72
N ALA B 266 2.97 16.17 13.08
CA ALA B 266 2.40 14.93 12.59
C ALA B 266 3.29 14.19 11.60
N VAL B 267 4.23 14.88 10.97
CA VAL B 267 5.11 14.26 9.99
C VAL B 267 6.58 14.29 10.40
N PHE B 268 6.87 14.64 11.66
CA PHE B 268 8.19 14.45 12.27
C PHE B 268 9.30 15.29 11.60
N GLY B 269 8.96 16.40 10.97
CA GLY B 269 9.86 17.12 10.07
C GLY B 269 10.73 18.18 10.77
N VAL B 270 10.48 18.48 12.03
CA VAL B 270 11.13 19.62 12.68
C VAL B 270 12.60 19.28 12.95
N LYS B 271 13.47 20.24 12.64
CA LYS B 271 14.84 20.25 13.12
C LYS B 271 15.11 21.61 13.72
N GLU B 272 15.84 21.60 14.83
CA GLU B 272 16.12 22.79 15.62
C GLU B 272 16.65 23.91 14.75
N ALA B 273 17.58 23.60 13.85
CA ALA B 273 18.24 24.64 13.08
C ALA B 273 17.32 25.25 12.04
N LEU B 274 16.18 24.58 11.74
CA LEU B 274 15.24 25.08 10.74
C LEU B 274 14.17 25.97 11.37
N ILE B 275 14.23 26.17 12.69
CA ILE B 275 13.29 27.06 13.32
C ILE B 275 13.72 28.51 13.08
N ALA B 276 12.85 29.33 12.51
CA ALA B 276 13.19 30.68 12.09
C ALA B 276 12.57 31.68 13.07
N THR B 277 13.26 32.78 13.27
CA THR B 277 12.74 33.86 14.10
C THR B 277 11.90 34.78 13.22
N TYR B 278 10.78 35.25 13.80
CA TYR B 278 9.90 36.20 13.15
C TYR B 278 9.82 37.50 13.96
N ASP B 279 10.15 38.63 13.32
CA ASP B 279 10.18 39.91 14.01
C ASP B 279 9.02 40.77 13.56
N ARG B 280 8.42 41.44 14.53
CA ARG B 280 7.22 42.22 14.27
C ARG B 280 7.67 43.60 13.78
N ASN B 281 6.94 44.13 12.79
CA ASN B 281 7.23 45.42 12.19
C ASN B 281 6.02 46.34 12.40
N SER B 282 5.96 46.98 13.58
CA SER B 282 5.03 48.09 13.82
C SER B 282 5.42 49.27 12.94
N ASP B 283 6.73 49.38 12.75
CA ASP B 283 7.42 50.61 12.36
C ASP B 283 7.37 50.79 10.85
N ASP B 284 7.68 49.70 10.14
CA ASP B 284 7.46 49.62 8.70
C ASP B 284 6.21 48.76 8.45
N PRO B 285 4.97 49.29 8.58
CA PRO B 285 3.76 48.51 8.31
C PRO B 285 3.45 48.32 6.82
N ALA B 286 4.49 48.29 5.98
CA ALA B 286 4.44 47.60 4.70
C ALA B 286 4.12 46.11 4.94
N THR B 287 4.93 45.45 5.77
CA THR B 287 4.61 44.12 6.26
C THR B 287 4.51 44.13 7.79
N ALA B 288 3.70 43.22 8.33
CA ALA B 288 3.55 43.09 9.78
C ALA B 288 4.80 42.44 10.36
N TRP B 289 5.41 41.55 9.58
CA TRP B 289 6.42 40.64 10.07
C TRP B 289 7.60 40.60 9.11
N SER B 290 8.76 40.18 9.61
CA SER B 290 9.87 39.85 8.74
C SER B 290 10.53 38.59 9.28
N SER B 291 11.03 37.73 8.37
CA SER B 291 11.78 36.54 8.75
C SER B 291 13.02 36.40 7.89
N GLN B 292 14.19 36.41 8.55
CA GLN B 292 15.46 36.34 7.85
C GLN B 292 16.07 34.94 8.04
N TYR B 293 16.50 34.32 6.94
CA TYR B 293 16.99 32.96 6.97
C TYR B 293 17.93 32.71 5.80
N ASP B 294 19.17 32.34 6.13
CA ASP B 294 20.20 32.08 5.13
C ASP B 294 20.31 30.58 4.83
N PHE B 295 20.53 30.22 3.56
CA PHE B 295 20.70 28.85 3.14
C PHE B 295 22.14 28.62 2.70
N VAL B 296 22.72 27.53 3.19
CA VAL B 296 24.11 27.20 2.90
C VAL B 296 24.10 25.85 2.19
N LEU B 297 24.48 25.88 0.92
CA LEU B 297 24.46 24.70 0.06
C LEU B 297 25.83 24.01 0.09
N THR B 298 25.86 22.72 -0.27
CA THR B 298 27.10 21.97 -0.35
C THR B 298 27.22 21.29 -1.71
N ARG B 299 28.44 20.88 -2.09
CA ARG B 299 28.66 19.68 -2.89
C ARG B 299 27.87 19.71 -4.21
C1 PTY C . 12.32 0.19 -12.94
C2 PTY C . 16.88 1.10 -17.20
C3 PTY C . 17.49 1.37 -15.85
O4 PTY C . 11.31 -0.52 -12.18
C5 PTY C . 14.07 2.03 -12.78
C6 PTY C . 12.99 1.23 -12.06
O7 PTY C . 13.43 0.63 -10.78
C8 PTY C . 13.99 -0.59 -10.73
O10 PTY C . 14.90 -1.05 -11.38
C11 PTY C . 12.94 -1.40 -10.05
C12 PTY C . 13.40 -2.18 -8.86
C13 PTY C . 14.83 -1.90 -8.43
C14 PTY C . 15.06 -0.57 -7.81
C15 PTY C . 13.85 0.08 -7.26
C16 PTY C . 13.28 -0.55 -6.03
C17 PTY C . 11.85 -0.17 -5.81
C18 PTY C . 11.18 -0.85 -4.65
C19 PTY C . 10.92 0.04 -3.46
C20 PTY C . 9.64 -0.30 -2.76
C21 PTY C . 9.69 -0.30 -1.28
C22 PTY C . 9.65 1.04 -0.66
C23 PTY C . 8.41 1.34 0.14
C24 PTY C . 8.33 2.76 0.63
C25 PTY C . 7.09 3.07 1.42
C26 PTY C . 6.21 4.16 0.85
C27 PTY C . 4.80 4.14 1.40
C28 PTY C . 4.73 4.04 2.90
C29 PTY C . 3.36 4.31 3.42
C30 PTY C . 10.27 -0.99 -12.85
C31 PTY C . 9.41 -1.95 -12.05
O30 PTY C . 10.05 -0.72 -14.00
C32 PTY C . 9.42 -1.72 -10.58
C33 PTY C . 8.03 -1.58 -10.00
C34 PTY C . 7.96 -0.68 -8.79
C35 PTY C . 8.82 -1.14 -7.64
C36 PTY C . 8.15 -2.07 -6.68
C37 PTY C . 7.00 -1.47 -5.97
C38 PTY C . 6.94 -1.79 -4.52
C39 PTY C . 5.96 -2.83 -4.13
C40 PTY C . 4.87 -2.32 -3.25
C41 PTY C . 5.11 -2.53 -1.77
C42 PTY C . 4.38 -3.72 -1.21
C43 PTY C . 3.11 -3.39 -0.47
C44 PTY C . 2.96 -3.96 0.92
P1 PTY C . 16.24 0.73 -13.60
O11 PTY C . 16.45 1.68 -14.87
O12 PTY C . 15.36 -0.40 -14.06
O13 PTY C . 17.58 0.43 -12.99
O14 PTY C . 15.43 1.59 -12.51
N1 PTY C . 17.32 2.09 -18.19
FE FE D . -8.90 -19.15 -8.71
C1 PTY E . -8.63 0.30 12.86
C2 PTY E . -11.74 5.99 12.56
C3 PTY E . -12.03 4.69 13.26
O4 PTY E . -8.40 -0.01 11.46
C5 PTY E . -11.12 0.71 13.27
C6 PTY E . -9.97 -0.28 13.33
O7 PTY E . -9.81 -0.72 14.71
C8 PTY E . -10.34 -1.90 15.09
O10 PTY E . -11.24 -2.42 14.47
C11 PTY E . -9.58 -2.58 16.21
C12 PTY E . -8.09 -2.58 16.03
C13 PTY E . -7.58 -3.58 14.98
C14 PTY E . -7.17 -2.97 13.65
C15 PTY E . -5.79 -2.32 13.60
C16 PTY E . -5.34 -1.90 12.19
C17 PTY E . -4.09 -2.61 11.66
C18 PTY E . -4.30 -3.48 10.42
C19 PTY E . -3.13 -3.52 9.44
C20 PTY E . -2.82 -4.90 8.94
C21 PTY E . -1.83 -5.00 7.80
C22 PTY E . -1.53 -6.43 7.40
C23 PTY E . -0.86 -6.60 6.05
C24 PTY E . -1.74 -7.23 5.01
C25 PTY E . -2.25 -6.28 3.96
C26 PTY E . -1.99 -6.70 2.55
C27 PTY E . -0.58 -6.56 2.11
C28 PTY E . -0.49 -6.04 0.71
C29 PTY E . 0.70 -6.54 -0.01
C30 PTY E . -8.04 0.99 10.64
C31 PTY E . -8.07 0.54 9.20
O30 PTY E . -7.75 2.10 11.01
C32 PTY E . -6.83 -0.19 8.76
C33 PTY E . -5.66 0.74 8.54
C34 PTY E . -4.33 0.08 8.59
C35 PTY E . -3.57 0.01 7.30
C36 PTY E . -2.22 0.70 7.30
C37 PTY E . -1.24 0.08 6.32
C38 PTY E . 0.08 0.82 6.11
C39 PTY E . 0.63 0.70 4.69
C40 PTY E . 2.13 0.98 4.50
C41 PTY E . 2.72 0.49 3.16
C42 PTY E . 3.81 -0.61 3.25
C43 PTY E . 4.70 -0.95 2.03
C44 PTY E . 5.86 -1.92 2.25
P1 PTY E . -10.81 2.85 11.74
O11 PTY E . -12.14 3.60 12.30
O12 PTY E . -10.70 3.20 10.28
O13 PTY E . -9.68 3.20 12.66
O14 PTY E . -11.18 1.30 11.94
N1 PTY E . -10.63 6.68 13.20
FE FE F . 3.84 22.15 4.19
#